data_5F86
#
_entry.id   5F86
#
_cell.length_a   270.250
_cell.length_b   270.250
_cell.length_c   47.419
_cell.angle_alpha   90.00
_cell.angle_beta   90.00
_cell.angle_gamma   120.00
#
_symmetry.space_group_name_H-M   'H 3 2'
#
loop_
_entity.id
_entity.type
_entity.pdbx_description
1 polymer 'O-glucosyltransferase rumi'
2 polymer 'Coagulation factor IX'
3 non-polymer GLYCEROL
4 non-polymer 'SULFATE ION'
5 water water
#
loop_
_entity_poly.entity_id
_entity_poly.type
_entity_poly.pdbx_seq_one_letter_code
_entity_poly.pdbx_strand_id
1 'polypeptide(L)'
;AAQPAEALEDDGLCSADQKSCAQSEPDQINEDEFSFKIRRQIEKANADYKPCSSDPQDSDCSCHANVLKRDLAPYKSTGV
TRQMIESSARYGTKYKIYGHRLYRDANCMFPARCEGIEHFLLPLVATLPDMDLIINTRDYPQLNAAWGNAAGGPVFSFSK
TKEYRDIMYPAWTFWAGGPATKLHPRGIGRWDQMREKLEKRAAAIPWSQKRSLGFFRGSRTSDERDSLILLSRRNPELVE
AQYTKNQGWKSPKDTLDAPAADEVSFEDHCKYKYLFNFRGVAASFRLKHLFLCKSLVFHVGDEWQEFFYDQLKPWVHYVP
LKSYPSQQEYEHILSFFKKNDALAQEIAQRGYDFIWEHLRMKDIKCYWRKLLKRYVKLLQYEVKPEDQLIYIGPKARALV
PR
;
A
2 'polypeptide(L)' MDIVDGDQCESNPCLNGGSCKDDINSYECWCPFGFEGKNCELLEHHHHHH B
#
loop_
_chem_comp.id
_chem_comp.type
_chem_comp.name
_chem_comp.formula
GOL non-polymer GLYCEROL 'C3 H8 O3'
SO4 non-polymer 'SULFATE ION' 'O4 S -2'
#
# COMPACT_ATOMS: atom_id res chain seq x y z
N ASN A 30 36.59 -7.16 0.85
CA ASN A 30 35.21 -7.71 0.85
C ASN A 30 34.30 -6.71 1.56
N GLU A 31 34.52 -6.56 2.86
CA GLU A 31 33.73 -5.61 3.65
C GLU A 31 33.97 -4.18 3.19
N ASP A 32 35.22 -3.85 2.89
CA ASP A 32 35.57 -2.50 2.47
C ASP A 32 34.90 -2.12 1.15
N GLU A 33 34.95 -3.03 0.18
CA GLU A 33 34.33 -2.76 -1.12
C GLU A 33 32.85 -2.48 -0.96
N PHE A 34 32.19 -3.28 -0.12
CA PHE A 34 30.75 -3.14 0.13
C PHE A 34 30.47 -1.77 0.74
N SER A 35 31.24 -1.42 1.77
CA SER A 35 31.08 -0.12 2.41
C SER A 35 31.20 1.06 1.42
N PHE A 36 32.24 1.03 0.59
CA PHE A 36 32.46 2.08 -0.40
C PHE A 36 31.27 2.23 -1.33
N LYS A 37 30.77 1.09 -1.82
CA LYS A 37 29.63 1.09 -2.75
C LYS A 37 28.41 1.74 -2.11
N ILE A 38 28.09 1.33 -0.87
CA ILE A 38 26.89 1.83 -0.18
C ILE A 38 27.03 3.31 0.18
N ARG A 39 28.18 3.71 0.69
CA ARG A 39 28.39 5.11 1.05
C ARG A 39 28.36 6.04 -0.17
N ARG A 40 28.95 5.59 -1.27
CA ARG A 40 28.84 6.31 -2.55
C ARG A 40 27.37 6.50 -2.95
N GLN A 41 26.59 5.43 -2.87
CA GLN A 41 25.17 5.51 -3.24
C GLN A 41 24.42 6.50 -2.35
N ILE A 42 24.72 6.50 -1.06
CA ILE A 42 24.09 7.42 -0.11
C ILE A 42 24.48 8.88 -0.39
N GLU A 43 25.77 9.13 -0.60
CA GLU A 43 26.24 10.50 -0.86
C GLU A 43 25.56 11.08 -2.08
N LYS A 44 25.54 10.29 -3.15
CA LYS A 44 24.93 10.67 -4.42
C LYS A 44 23.42 10.94 -4.31
N ALA A 45 22.70 10.02 -3.66
CA ALA A 45 21.26 10.13 -3.49
C ALA A 45 20.91 11.42 -2.76
N ASN A 46 21.63 11.68 -1.67
CA ASN A 46 21.35 12.85 -0.85
C ASN A 46 21.86 14.18 -1.44
N ALA A 47 22.91 14.13 -2.24
CA ALA A 47 23.34 15.32 -2.98
C ALA A 47 22.29 15.70 -4.03
N ASP A 48 21.73 14.70 -4.71
CA ASP A 48 20.75 14.94 -5.76
C ASP A 48 19.34 15.21 -5.25
N TYR A 49 19.08 14.92 -3.97
CA TYR A 49 17.72 15.01 -3.43
C TYR A 49 17.15 16.44 -3.40
N LYS A 50 15.91 16.59 -3.85
CA LYS A 50 15.15 17.83 -3.66
C LYS A 50 13.82 17.52 -2.97
N PRO A 51 13.37 18.40 -2.05
CA PRO A 51 12.08 18.21 -1.39
C PRO A 51 10.91 18.11 -2.37
N CYS A 52 9.88 17.35 -1.98
CA CYS A 52 8.73 17.12 -2.86
C CYS A 52 7.86 18.37 -3.00
N SER A 53 8.01 19.32 -2.09
CA SER A 53 7.36 20.63 -2.19
C SER A 53 8.30 21.72 -1.68
N SER A 54 8.17 22.93 -2.25
CA SER A 54 9.03 24.05 -1.85
C SER A 54 8.84 24.41 -0.37
N ASP A 55 7.59 24.39 0.09
CA ASP A 55 7.29 24.62 1.51
C ASP A 55 6.82 23.29 2.13
N PRO A 56 7.25 22.98 3.36
CA PRO A 56 6.88 21.70 3.99
C PRO A 56 5.38 21.46 4.19
N GLN A 57 4.58 22.51 4.41
CA GLN A 57 3.13 22.37 4.58
C GLN A 57 2.41 21.96 3.28
N ASP A 58 3.05 22.21 2.14
CA ASP A 58 2.53 21.80 0.83
C ASP A 58 1.08 22.23 0.61
N SER A 59 0.87 23.55 0.64
CA SER A 59 -0.46 24.13 0.51
C SER A 59 -1.17 23.78 -0.78
N ASP A 60 -0.40 23.61 -1.87
CA ASP A 60 -0.97 23.35 -3.20
CA ASP A 60 -0.95 23.34 -3.20
C ASP A 60 -1.08 21.85 -3.53
N CYS A 61 -0.80 20.98 -2.56
CA CYS A 61 -0.92 19.53 -2.76
C CYS A 61 -0.07 19.05 -3.96
N SER A 62 1.18 19.50 -3.99
CA SER A 62 2.09 19.19 -5.10
C SER A 62 3.03 18.03 -4.81
N CYS A 63 3.14 17.60 -3.56
CA CYS A 63 4.14 16.60 -3.18
C CYS A 63 4.12 15.37 -4.09
N HIS A 64 2.94 14.78 -4.28
CA HIS A 64 2.81 13.54 -5.06
C HIS A 64 2.23 13.73 -6.45
N ALA A 65 2.20 14.98 -6.91
CA ALA A 65 1.54 15.35 -8.16
C ALA A 65 2.14 14.72 -9.41
N ASN A 66 3.44 14.45 -9.38
CA ASN A 66 4.12 13.82 -10.53
C ASN A 66 3.48 12.49 -10.91
N VAL A 67 3.07 11.73 -9.89
CA VAL A 67 2.45 10.42 -10.11
C VAL A 67 1.10 10.51 -10.81
N LEU A 68 0.20 11.35 -10.31
CA LEU A 68 -1.12 11.48 -10.96
C LEU A 68 -1.01 12.06 -12.37
N LYS A 69 -0.09 12.99 -12.59
CA LYS A 69 0.16 13.52 -13.93
C LYS A 69 0.57 12.40 -14.88
N ARG A 70 1.58 11.62 -14.49
CA ARG A 70 2.03 10.50 -15.30
C ARG A 70 0.93 9.43 -15.50
N ASP A 71 0.11 9.17 -14.48
CA ASP A 71 -0.96 8.19 -14.61
C ASP A 71 -2.08 8.63 -15.59
N LEU A 72 -2.35 9.94 -15.65
CA LEU A 72 -3.38 10.49 -16.53
C LEU A 72 -2.86 10.89 -17.92
N ALA A 73 -1.54 10.97 -18.07
CA ALA A 73 -0.92 11.47 -19.31
C ALA A 73 -1.32 10.72 -20.58
N PRO A 74 -1.41 9.37 -20.52
CA PRO A 74 -1.82 8.62 -21.71
C PRO A 74 -3.20 8.95 -22.26
N TYR A 75 -4.03 9.65 -21.47
CA TYR A 75 -5.38 10.03 -21.90
C TYR A 75 -5.48 11.48 -22.37
N LYS A 76 -4.38 12.21 -22.32
CA LYS A 76 -4.39 13.66 -22.54
C LYS A 76 -4.74 14.07 -23.99
N SER A 77 -4.16 13.37 -24.98
CA SER A 77 -4.37 13.74 -26.39
C SER A 77 -5.78 13.42 -26.90
N THR A 78 -6.27 12.22 -26.57
CA THR A 78 -7.57 11.72 -27.06
C THR A 78 -8.72 11.95 -26.08
N GLY A 79 -8.41 11.98 -24.78
CA GLY A 79 -9.44 12.07 -23.75
C GLY A 79 -10.11 10.72 -23.54
N VAL A 80 -11.17 10.71 -22.74
CA VAL A 80 -11.88 9.48 -22.37
C VAL A 80 -13.30 9.52 -22.94
N THR A 81 -13.63 8.52 -23.76
CA THR A 81 -14.95 8.43 -24.39
C THR A 81 -15.86 7.52 -23.58
N ARG A 82 -17.16 7.63 -23.84
CA ARG A 82 -18.16 6.78 -23.19
C ARG A 82 -17.84 5.31 -23.43
N GLN A 83 -17.43 5.00 -24.65
CA GLN A 83 -17.05 3.63 -25.02
C GLN A 83 -15.90 3.09 -24.16
N MET A 84 -14.91 3.93 -23.90
CA MET A 84 -13.77 3.52 -23.06
C MET A 84 -14.24 3.19 -21.64
N ILE A 85 -15.14 4.01 -21.10
CA ILE A 85 -15.73 3.74 -19.79
C ILE A 85 -16.54 2.45 -19.79
N GLU A 86 -17.43 2.29 -20.76
CA GLU A 86 -18.23 1.05 -20.88
C GLU A 86 -17.33 -0.17 -21.02
N SER A 87 -16.30 -0.06 -21.84
CA SER A 87 -15.33 -1.13 -22.03
C SER A 87 -14.54 -1.46 -20.75
N SER A 88 -14.24 -0.44 -19.96
CA SER A 88 -13.46 -0.62 -18.73
C SER A 88 -14.27 -1.14 -17.54
N ALA A 89 -15.60 -1.04 -17.64
CA ALA A 89 -16.50 -1.33 -16.51
C ALA A 89 -16.33 -2.74 -15.94
N ARG A 90 -15.95 -3.70 -16.78
CA ARG A 90 -15.75 -5.07 -16.32
C ARG A 90 -14.55 -5.23 -15.39
N TYR A 91 -13.68 -4.21 -15.31
CA TYR A 91 -12.43 -4.31 -14.54
C TYR A 91 -12.50 -3.77 -13.12
N GLY A 92 -13.63 -3.22 -12.72
CA GLY A 92 -13.79 -2.73 -11.36
C GLY A 92 -15.21 -2.34 -10.99
N THR A 93 -15.34 -1.63 -9.88
CA THR A 93 -16.63 -1.19 -9.40
C THR A 93 -16.93 0.19 -9.97
N LYS A 94 -18.05 0.29 -10.66
CA LYS A 94 -18.45 1.56 -11.26
C LYS A 94 -18.97 2.51 -10.19
N TYR A 95 -18.36 3.69 -10.11
CA TYR A 95 -18.88 4.78 -9.33
C TYR A 95 -19.26 5.89 -10.32
N LYS A 96 -20.35 6.58 -10.01
CA LYS A 96 -20.77 7.73 -10.78
C LYS A 96 -21.10 8.89 -9.85
N ILE A 97 -20.44 10.02 -10.07
CA ILE A 97 -20.86 11.27 -9.45
C ILE A 97 -21.79 11.92 -10.48
N TYR A 98 -23.03 12.14 -10.08
CA TYR A 98 -24.01 12.81 -10.95
C TYR A 98 -24.88 13.74 -10.10
N GLY A 99 -24.85 15.02 -10.43
CA GLY A 99 -25.66 16.02 -9.72
C GLY A 99 -25.26 16.10 -8.27
N HIS A 100 -23.96 16.03 -8.02
CA HIS A 100 -23.40 16.03 -6.66
C HIS A 100 -23.98 14.96 -5.78
N ARG A 101 -24.32 13.81 -6.36
CA ARG A 101 -24.71 12.63 -5.62
C ARG A 101 -23.85 11.45 -6.11
N LEU A 102 -23.50 10.56 -5.19
CA LEU A 102 -22.65 9.41 -5.50
C LEU A 102 -23.50 8.16 -5.74
N TYR A 103 -23.29 7.54 -6.90
CA TYR A 103 -23.94 6.28 -7.24
C TYR A 103 -22.89 5.20 -7.46
N ARG A 104 -23.30 3.94 -7.34
CA ARG A 104 -22.38 2.81 -7.48
C ARG A 104 -23.11 1.56 -7.93
N ASP A 105 -22.39 0.64 -8.58
CA ASP A 105 -22.87 -0.74 -8.74
C ASP A 105 -23.42 -1.23 -7.40
N ALA A 106 -24.56 -1.92 -7.43
CA ALA A 106 -25.09 -2.56 -6.23
C ALA A 106 -24.06 -3.52 -5.64
N ASN A 107 -23.43 -4.31 -6.50
CA ASN A 107 -22.45 -5.32 -6.10
C ASN A 107 -21.05 -4.73 -6.03
N CYS A 108 -20.56 -4.49 -4.81
CA CYS A 108 -19.15 -4.21 -4.59
C CYS A 108 -18.47 -5.54 -4.25
N MET A 109 -17.39 -5.86 -4.95
CA MET A 109 -16.67 -7.11 -4.73
C MET A 109 -16.05 -7.20 -3.33
N PHE A 110 -15.57 -6.07 -2.82
CA PHE A 110 -15.08 -5.96 -1.43
C PHE A 110 -15.75 -4.81 -0.67
N PRO A 111 -16.95 -5.05 -0.10
CA PRO A 111 -17.73 -4.00 0.58
C PRO A 111 -16.94 -3.16 1.58
N ALA A 112 -16.06 -3.79 2.34
CA ALA A 112 -15.26 -3.06 3.32
C ALA A 112 -14.27 -2.10 2.66
N ARG A 113 -13.79 -2.46 1.47
CA ARG A 113 -12.91 -1.56 0.71
C ARG A 113 -13.70 -0.40 0.09
N CYS A 114 -14.87 -0.70 -0.45
CA CYS A 114 -15.78 0.35 -0.93
C CYS A 114 -16.10 1.37 0.17
N GLU A 115 -16.31 0.89 1.39
CA GLU A 115 -16.55 1.81 2.52
C GLU A 115 -15.37 2.76 2.75
N GLY A 116 -14.15 2.21 2.73
CA GLY A 116 -12.95 3.01 2.85
C GLY A 116 -12.80 4.07 1.77
N ILE A 117 -13.06 3.67 0.52
CA ILE A 117 -13.03 4.59 -0.61
C ILE A 117 -14.11 5.67 -0.48
N GLU A 118 -15.31 5.26 -0.12
CA GLU A 118 -16.44 6.18 -0.01
C GLU A 118 -16.24 7.23 1.08
N HIS A 119 -15.45 6.90 2.10
CA HIS A 119 -15.11 7.88 3.13
C HIS A 119 -14.46 9.10 2.52
N PHE A 120 -13.63 8.90 1.50
CA PHE A 120 -12.94 10.00 0.84
C PHE A 120 -13.74 10.64 -0.29
N LEU A 121 -14.51 9.85 -1.02
CA LEU A 121 -15.32 10.40 -2.12
C LEU A 121 -16.48 11.27 -1.61
N LEU A 122 -17.17 10.80 -0.57
CA LEU A 122 -18.42 11.45 -0.14
C LEU A 122 -18.28 12.94 0.17
N PRO A 123 -17.25 13.35 0.94
CA PRO A 123 -17.05 14.77 1.22
C PRO A 123 -16.72 15.65 0.01
N LEU A 124 -16.29 15.04 -1.10
CA LEU A 124 -15.91 15.78 -2.30
C LEU A 124 -17.03 15.92 -3.32
N VAL A 125 -18.06 15.10 -3.21
CA VAL A 125 -19.12 15.05 -4.23
C VAL A 125 -19.93 16.35 -4.33
N ALA A 126 -20.03 17.10 -3.24
CA ALA A 126 -20.72 18.40 -3.24
C ALA A 126 -20.05 19.43 -4.17
N THR A 127 -18.73 19.33 -4.35
CA THR A 127 -17.96 20.31 -5.14
C THR A 127 -17.23 19.70 -6.34
N LEU A 128 -17.66 18.53 -6.78
CA LEU A 128 -17.06 17.86 -7.93
C LEU A 128 -18.07 17.81 -9.08
N PRO A 129 -17.59 18.00 -10.33
CA PRO A 129 -18.49 17.81 -11.48
C PRO A 129 -18.78 16.34 -11.73
N ASP A 130 -19.68 16.08 -12.67
CA ASP A 130 -20.07 14.71 -12.98
C ASP A 130 -18.90 13.91 -13.55
N MET A 131 -18.86 12.62 -13.22
CA MET A 131 -17.86 11.72 -13.80
C MET A 131 -18.23 10.27 -13.53
N ASP A 132 -17.73 9.39 -14.40
CA ASP A 132 -17.80 7.95 -14.19
C ASP A 132 -16.41 7.48 -13.80
N LEU A 133 -16.34 6.64 -12.77
CA LEU A 133 -15.06 6.13 -12.26
C LEU A 133 -15.17 4.63 -12.15
N ILE A 134 -14.27 3.90 -12.81
CA ILE A 134 -14.20 2.46 -12.64
C ILE A 134 -13.10 2.20 -11.62
N ILE A 135 -13.49 1.85 -10.40
CA ILE A 135 -12.50 1.72 -9.32
C ILE A 135 -12.36 0.26 -8.99
N ASN A 136 -11.20 -0.28 -9.35
CA ASN A 136 -10.83 -1.63 -8.99
C ASN A 136 -10.50 -1.71 -7.50
N THR A 137 -11.20 -2.59 -6.78
CA THR A 137 -10.94 -2.82 -5.36
C THR A 137 -10.18 -4.13 -5.08
N ARG A 138 -9.80 -4.86 -6.13
CA ARG A 138 -8.94 -6.04 -5.96
C ARG A 138 -7.53 -5.58 -5.65
N ASP A 139 -6.71 -6.48 -5.11
CA ASP A 139 -5.30 -6.17 -4.83
C ASP A 139 -4.53 -5.88 -6.11
N TYR A 140 -4.79 -6.67 -7.15
CA TYR A 140 -3.95 -6.66 -8.33
C TYR A 140 -4.52 -5.75 -9.41
N PRO A 141 -3.66 -5.00 -10.13
CA PRO A 141 -4.15 -4.11 -11.18
C PRO A 141 -4.66 -4.91 -12.38
N GLN A 142 -5.40 -4.22 -13.24
CA GLN A 142 -6.24 -4.87 -14.24
C GLN A 142 -5.85 -4.59 -15.69
N LEU A 143 -5.16 -3.48 -15.96
CA LEU A 143 -4.91 -3.05 -17.34
C LEU A 143 -3.46 -3.29 -17.76
N ASN A 144 -3.19 -4.52 -18.19
CA ASN A 144 -1.85 -4.89 -18.65
C ASN A 144 -1.53 -4.11 -19.92
N ALA A 145 -0.44 -3.34 -19.88
CA ALA A 145 0.02 -2.57 -21.02
C ALA A 145 0.64 -3.50 -22.06
N ALA A 146 0.97 -4.74 -21.73
CA ALA A 146 1.41 -5.68 -22.80
C ALA A 146 0.18 -6.03 -23.62
N TRP A 147 -0.95 -6.31 -22.97
CA TRP A 147 -2.17 -6.57 -23.70
C TRP A 147 -2.47 -5.24 -24.27
N GLY A 148 -3.45 -5.14 -25.13
CA GLY A 148 -3.73 -3.85 -25.67
C GLY A 148 -5.13 -3.84 -26.23
N ASN A 149 -5.77 -2.67 -26.12
CA ASN A 149 -7.06 -2.27 -26.63
C ASN A 149 -8.31 -2.35 -25.79
N ALA A 150 -8.64 -3.56 -25.41
CA ALA A 150 -9.77 -3.72 -24.55
C ALA A 150 -9.22 -3.34 -23.19
N ALA A 151 -7.92 -3.03 -23.04
CA ALA A 151 -7.51 -2.82 -21.69
C ALA A 151 -6.87 -1.45 -21.70
N GLY A 152 -7.50 -0.52 -22.39
CA GLY A 152 -7.00 0.84 -22.53
C GLY A 152 -7.37 1.72 -21.34
N GLY A 153 -8.42 1.33 -20.62
CA GLY A 153 -8.86 2.08 -19.44
C GLY A 153 -9.75 3.25 -19.80
N PRO A 154 -9.93 4.21 -18.87
CA PRO A 154 -9.28 4.33 -17.55
C PRO A 154 -9.84 3.43 -16.46
N VAL A 155 -8.94 2.84 -15.66
CA VAL A 155 -9.32 2.10 -14.45
C VAL A 155 -8.40 2.55 -13.32
N PHE A 156 -8.98 2.72 -12.13
CA PHE A 156 -8.27 3.14 -10.93
C PHE A 156 -7.94 1.91 -10.07
N SER A 157 -6.67 1.79 -9.67
CA SER A 157 -6.24 0.70 -8.78
C SER A 157 -5.29 1.26 -7.73
N PHE A 158 -5.17 0.61 -6.58
CA PHE A 158 -4.28 1.16 -5.52
C PHE A 158 -2.79 0.97 -5.83
N SER A 159 -2.46 -0.09 -6.57
CA SER A 159 -1.09 -0.48 -6.77
C SER A 159 -0.83 -0.91 -8.21
N LYS A 160 0.33 -0.54 -8.71
CA LYS A 160 0.74 -0.93 -10.05
C LYS A 160 2.24 -0.98 -10.22
N THR A 161 2.66 -1.49 -11.38
CA THR A 161 4.02 -1.35 -11.87
C THR A 161 3.94 -0.71 -13.25
N LYS A 162 5.09 -0.53 -13.89
CA LYS A 162 5.14 -0.05 -15.28
C LYS A 162 4.40 -0.97 -16.27
N GLU A 163 4.14 -2.21 -15.88
CA GLU A 163 3.40 -3.15 -16.73
C GLU A 163 1.90 -2.81 -16.88
N TYR A 164 1.40 -1.92 -16.03
CA TYR A 164 -0.04 -1.65 -15.95
C TYR A 164 -0.39 -0.18 -16.19
N ARG A 165 -1.54 0.03 -16.82
CA ARG A 165 -2.03 1.37 -17.15
C ARG A 165 -2.94 1.96 -16.08
N ASP A 166 -3.30 1.17 -15.08
CA ASP A 166 -4.22 1.60 -14.02
C ASP A 166 -3.74 2.92 -13.37
N ILE A 167 -4.70 3.77 -13.02
CA ILE A 167 -4.42 5.04 -12.37
C ILE A 167 -4.40 4.78 -10.87
N MET A 168 -3.33 5.15 -10.17
CA MET A 168 -3.28 4.88 -8.73
C MET A 168 -4.14 5.84 -7.94
N TYR A 169 -4.82 5.29 -6.94
CA TYR A 169 -5.55 6.10 -5.96
C TYR A 169 -5.13 5.70 -4.55
N PRO A 170 -5.31 6.60 -3.58
CA PRO A 170 -4.95 6.22 -2.21
C PRO A 170 -5.83 5.09 -1.72
N ALA A 171 -5.23 4.05 -1.17
CA ALA A 171 -5.96 2.84 -0.83
C ALA A 171 -7.03 3.08 0.21
N TRP A 172 -8.08 2.26 0.11
CA TRP A 172 -9.18 2.21 1.08
C TRP A 172 -8.73 2.25 2.52
N THR A 173 -7.65 1.52 2.80
CA THR A 173 -7.16 1.25 4.14
C THR A 173 -6.74 2.51 4.91
N PHE A 174 -6.52 3.62 4.22
CA PHE A 174 -6.28 4.88 4.91
C PHE A 174 -7.46 5.23 5.83
N TRP A 175 -8.65 4.73 5.50
CA TRP A 175 -9.80 4.82 6.39
C TRP A 175 -10.27 3.49 6.91
N ALA A 176 -10.45 2.51 6.02
CA ALA A 176 -11.05 1.23 6.43
C ALA A 176 -10.80 0.10 5.44
N GLY A 177 -10.95 -1.13 5.92
CA GLY A 177 -11.05 -2.31 5.05
C GLY A 177 -9.74 -2.96 4.62
N GLY A 178 -8.64 -2.62 5.30
CA GLY A 178 -7.39 -3.35 5.08
C GLY A 178 -7.53 -4.75 5.63
N PRO A 179 -6.48 -5.56 5.53
CA PRO A 179 -6.52 -6.94 6.03
C PRO A 179 -7.01 -7.05 7.47
N ALA A 180 -7.85 -8.05 7.73
CA ALA A 180 -8.32 -8.31 9.09
C ALA A 180 -7.42 -9.30 9.80
N THR A 181 -7.05 -8.97 11.03
CA THR A 181 -6.27 -9.85 11.88
C THR A 181 -6.87 -9.79 13.27
N LYS A 182 -6.32 -10.56 14.20
CA LYS A 182 -6.81 -10.56 15.58
C LYS A 182 -6.69 -9.19 16.24
N LEU A 183 -5.61 -8.45 15.97
CA LEU A 183 -5.44 -7.11 16.54
C LEU A 183 -6.27 -6.04 15.82
N HIS A 184 -6.68 -6.33 14.58
CA HIS A 184 -7.53 -5.44 13.79
C HIS A 184 -8.63 -6.22 13.12
N PRO A 185 -9.60 -6.73 13.91
CA PRO A 185 -10.63 -7.63 13.37
C PRO A 185 -11.56 -6.99 12.34
N ARG A 186 -11.70 -5.66 12.39
CA ARG A 186 -12.51 -4.95 11.39
C ARG A 186 -11.68 -4.51 10.18
N GLY A 187 -10.44 -5.00 10.07
CA GLY A 187 -9.54 -4.61 9.01
C GLY A 187 -8.66 -3.44 9.44
N ILE A 188 -7.39 -3.49 9.08
CA ILE A 188 -6.51 -2.37 9.36
C ILE A 188 -7.01 -1.12 8.62
N GLY A 189 -7.12 -0.02 9.37
CA GLY A 189 -7.67 1.21 8.85
C GLY A 189 -7.23 2.40 9.71
N ARG A 190 -8.00 3.47 9.64
CA ARG A 190 -7.80 4.65 10.47
C ARG A 190 -6.33 5.05 10.59
N TRP A 191 -5.74 5.37 9.45
CA TRP A 191 -4.37 5.88 9.40
C TRP A 191 -4.16 7.11 10.25
N ASP A 192 -5.19 7.94 10.40
CA ASP A 192 -5.13 9.09 11.32
C ASP A 192 -4.81 8.67 12.76
N GLN A 193 -5.51 7.65 13.25
CA GLN A 193 -5.28 7.11 14.59
C GLN A 193 -3.95 6.38 14.68
N MET A 194 -3.60 5.62 13.65
CA MET A 194 -2.36 4.87 13.63
C MET A 194 -1.13 5.80 13.69
N ARG A 195 -1.18 6.91 12.98
CA ARG A 195 -0.09 7.90 13.01
C ARG A 195 0.19 8.37 14.44
N GLU A 196 -0.87 8.69 15.18
CA GLU A 196 -0.71 9.16 16.57
C GLU A 196 -0.17 8.06 17.48
N LYS A 197 -0.69 6.85 17.30
CA LYS A 197 -0.22 5.69 18.06
C LYS A 197 1.28 5.44 17.83
N LEU A 198 1.72 5.52 16.58
CA LEU A 198 3.12 5.22 16.25
C LEU A 198 4.07 6.37 16.63
N GLU A 199 3.62 7.61 16.47
CA GLU A 199 4.36 8.79 16.94
C GLU A 199 4.71 8.61 18.42
N LYS A 200 3.70 8.22 19.20
CA LYS A 200 3.88 8.04 20.65
C LYS A 200 4.83 6.89 20.97
N ARG A 201 4.70 5.81 20.21
CA ARG A 201 5.56 4.66 20.42
C ARG A 201 7.01 4.92 19.96
N ALA A 202 7.18 5.65 18.85
CA ALA A 202 8.52 6.05 18.41
C ALA A 202 9.21 6.92 19.48
N ALA A 203 8.45 7.82 20.08
CA ALA A 203 8.95 8.64 21.21
C ALA A 203 9.34 7.79 22.43
N ALA A 204 8.60 6.72 22.68
CA ALA A 204 8.86 5.83 23.81
C ALA A 204 10.07 4.89 23.64
N ILE A 205 10.40 4.55 22.40
CA ILE A 205 11.54 3.67 22.12
C ILE A 205 12.48 4.39 21.15
N PRO A 206 13.34 5.26 21.69
CA PRO A 206 14.33 5.97 20.88
C PRO A 206 15.31 5.02 20.23
N TRP A 207 15.96 5.48 19.18
CA TRP A 207 16.93 4.68 18.43
C TRP A 207 17.81 3.81 19.31
N SER A 208 18.51 4.43 20.25
CA SER A 208 19.49 3.70 21.08
C SER A 208 18.90 2.55 21.89
N GLN A 209 17.60 2.58 22.17
CA GLN A 209 16.95 1.52 22.95
C GLN A 209 16.34 0.41 22.10
N LYS A 210 16.30 0.62 20.79
CA LYS A 210 15.78 -0.40 19.88
C LYS A 210 16.77 -1.55 19.78
N ARG A 211 16.27 -2.75 19.56
CA ARG A 211 17.12 -3.93 19.40
C ARG A 211 17.84 -3.89 18.04
N SER A 212 19.11 -4.26 18.04
CA SER A 212 19.95 -4.25 16.84
C SER A 212 19.79 -5.56 16.05
N LEU A 213 18.56 -5.81 15.61
CA LEU A 213 18.22 -7.02 14.86
C LEU A 213 17.26 -6.65 13.73
N GLY A 214 17.30 -7.41 12.65
CA GLY A 214 16.32 -7.29 11.57
C GLY A 214 15.02 -7.91 12.04
N PHE A 215 13.89 -7.35 11.62
CA PHE A 215 12.60 -7.86 12.07
C PHE A 215 11.59 -7.88 10.95
N PHE A 216 10.84 -8.98 10.90
CA PHE A 216 9.71 -9.11 10.01
C PHE A 216 8.73 -10.11 10.60
N ARG A 217 7.45 -9.77 10.57
CA ARG A 217 6.40 -10.70 11.01
C ARG A 217 5.20 -10.51 10.12
N GLY A 218 5.04 -11.41 9.17
CA GLY A 218 3.98 -11.30 8.16
C GLY A 218 3.81 -12.63 7.45
N SER A 219 2.87 -12.70 6.51
CA SER A 219 2.55 -13.98 5.88
C SER A 219 3.28 -14.16 4.55
N ARG A 220 3.20 -15.36 4.00
CA ARG A 220 3.89 -15.70 2.77
C ARG A 220 3.06 -15.32 1.54
N THR A 221 2.92 -14.02 1.32
CA THR A 221 2.17 -13.47 0.17
C THR A 221 3.05 -13.31 -1.07
N SER A 222 4.35 -13.51 -0.91
CA SER A 222 5.28 -13.57 -2.03
C SER A 222 6.51 -14.38 -1.61
N ASP A 223 7.02 -15.21 -2.51
CA ASP A 223 8.23 -15.98 -2.20
C ASP A 223 9.53 -15.12 -2.16
N GLU A 224 9.45 -13.84 -2.54
CA GLU A 224 10.55 -12.90 -2.30
C GLU A 224 10.90 -12.79 -0.81
N ARG A 225 9.97 -13.18 0.07
CA ARG A 225 10.14 -13.10 1.52
C ARG A 225 10.91 -14.27 2.13
N ASP A 226 11.10 -15.36 1.36
CA ASP A 226 11.61 -16.63 1.91
C ASP A 226 13.02 -16.56 2.48
N SER A 227 13.94 -15.93 1.77
CA SER A 227 15.35 -15.93 2.17
C SER A 227 15.57 -15.20 3.52
N LEU A 228 14.75 -14.19 3.83
CA LEU A 228 14.85 -13.52 5.12
C LEU A 228 14.43 -14.45 6.27
N ILE A 229 13.35 -15.20 6.05
CA ILE A 229 12.83 -16.14 7.05
C ILE A 229 13.84 -17.27 7.27
N LEU A 230 14.41 -17.77 6.18
CA LEU A 230 15.42 -18.83 6.28
C LEU A 230 16.72 -18.36 6.94
N LEU A 231 17.11 -17.11 6.69
CA LEU A 231 18.26 -16.52 7.37
C LEU A 231 17.99 -16.44 8.88
N SER A 232 16.79 -16.01 9.25
CA SER A 232 16.39 -15.92 10.67
C SER A 232 16.50 -17.26 11.37
N ARG A 233 16.06 -18.32 10.70
CA ARG A 233 16.14 -19.67 11.25
C ARG A 233 17.58 -20.11 11.51
N ARG A 234 18.48 -19.70 10.62
CA ARG A 234 19.87 -20.06 10.70
C ARG A 234 20.62 -19.16 11.68
N ASN A 235 20.25 -17.88 11.71
CA ASN A 235 20.93 -16.88 12.53
C ASN A 235 19.93 -15.94 13.23
N PRO A 236 19.23 -16.44 14.27
CA PRO A 236 18.23 -15.64 14.98
C PRO A 236 18.83 -14.44 15.73
N GLU A 237 20.13 -14.47 15.97
CA GLU A 237 20.80 -13.33 16.61
C GLU A 237 20.95 -12.14 15.66
N LEU A 238 20.83 -12.38 14.35
CA LEU A 238 20.90 -11.29 13.36
C LEU A 238 19.50 -10.86 12.88
N VAL A 239 18.62 -11.81 12.64
CA VAL A 239 17.29 -11.52 12.12
C VAL A 239 16.22 -12.31 12.86
N GLU A 240 15.15 -11.62 13.25
CA GLU A 240 13.96 -12.23 13.82
C GLU A 240 12.82 -12.08 12.80
N ALA A 241 12.71 -13.07 11.92
CA ALA A 241 11.70 -13.08 10.85
C ALA A 241 10.95 -14.42 10.85
N GLN A 242 9.64 -14.35 11.00
CA GLN A 242 8.80 -15.54 10.99
C GLN A 242 7.52 -15.33 10.18
N TYR A 243 7.04 -16.40 9.58
CA TYR A 243 5.79 -16.35 8.83
C TYR A 243 4.57 -16.55 9.72
N THR A 244 3.62 -15.63 9.60
CA THR A 244 2.29 -15.80 10.13
C THR A 244 1.46 -16.54 9.07
N LYS A 245 0.24 -16.87 9.45
CA LYS A 245 -0.74 -17.54 8.60
C LYS A 245 -1.69 -16.45 8.08
N ASN A 246 -2.11 -16.53 6.81
CA ASN A 246 -3.19 -15.65 6.33
C ASN A 246 -4.43 -16.48 5.97
N GLN A 247 -5.52 -15.83 5.59
CA GLN A 247 -6.80 -16.50 5.33
C GLN A 247 -6.77 -17.41 4.10
N GLY A 248 -5.73 -17.29 3.27
CA GLY A 248 -5.58 -18.14 2.10
C GLY A 248 -4.70 -19.36 2.33
N TRP A 249 -4.37 -19.63 3.58
CA TRP A 249 -3.52 -20.77 3.93
C TRP A 249 -4.08 -22.05 3.38
N LYS A 250 -3.24 -22.82 2.68
CA LYS A 250 -3.64 -24.10 2.09
C LYS A 250 -2.82 -25.31 2.58
N SER A 251 -1.57 -25.09 2.97
CA SER A 251 -0.70 -26.18 3.44
C SER A 251 0.51 -25.66 4.23
N PRO A 252 1.24 -26.56 4.92
CA PRO A 252 2.45 -26.14 5.65
C PRO A 252 3.51 -25.40 4.81
N LYS A 253 3.52 -25.63 3.50
CA LYS A 253 4.36 -24.89 2.56
C LYS A 253 4.18 -23.36 2.70
N ASP A 254 2.98 -22.93 3.07
CA ASP A 254 2.67 -21.49 3.25
C ASP A 254 3.38 -20.84 4.45
N THR A 255 3.98 -21.65 5.32
CA THR A 255 4.88 -21.13 6.36
C THR A 255 6.26 -21.82 6.26
N LEU A 256 6.60 -22.30 5.06
CA LEU A 256 7.82 -23.09 4.85
C LEU A 256 8.00 -24.16 5.94
N ASP A 257 6.93 -24.90 6.20
CA ASP A 257 6.91 -26.06 7.11
C ASP A 257 7.23 -25.78 8.59
N ALA A 258 7.04 -24.53 9.03
CA ALA A 258 7.20 -24.19 10.43
C ALA A 258 5.85 -23.87 11.06
N PRO A 259 5.73 -23.98 12.40
CA PRO A 259 4.48 -23.55 13.02
C PRO A 259 4.22 -22.07 12.79
N ALA A 260 2.98 -21.72 12.47
CA ALA A 260 2.62 -20.34 12.19
C ALA A 260 2.92 -19.45 13.40
N ALA A 261 3.61 -18.34 13.19
CA ALA A 261 3.91 -17.39 14.26
C ALA A 261 2.71 -16.48 14.51
N ASP A 262 2.66 -15.90 15.71
CA ASP A 262 1.63 -14.95 16.07
C ASP A 262 1.82 -13.60 15.36
N GLU A 263 0.72 -12.88 15.19
CA GLU A 263 0.75 -11.48 14.78
C GLU A 263 1.50 -10.64 15.81
N VAL A 264 2.29 -9.67 15.33
CA VAL A 264 2.95 -8.70 16.18
C VAL A 264 2.41 -7.33 15.79
N SER A 265 2.00 -6.53 16.77
CA SER A 265 1.41 -5.23 16.48
C SER A 265 2.42 -4.31 15.79
N PHE A 266 1.92 -3.33 15.04
CA PHE A 266 2.80 -2.32 14.46
C PHE A 266 3.60 -1.57 15.52
N GLU A 267 2.94 -1.26 16.65
CA GLU A 267 3.61 -0.67 17.81
C GLU A 267 4.84 -1.47 18.25
N ASP A 268 4.71 -2.79 18.30
CA ASP A 268 5.80 -3.65 18.75
C ASP A 268 6.92 -3.83 17.73
N HIS A 269 6.67 -3.49 16.47
CA HIS A 269 7.75 -3.44 15.47
C HIS A 269 8.77 -2.39 15.84
N CYS A 270 8.32 -1.37 16.56
CA CYS A 270 9.20 -0.22 16.84
C CYS A 270 10.31 -0.55 17.83
N LYS A 271 10.27 -1.72 18.46
CA LYS A 271 11.40 -2.14 19.33
C LYS A 271 12.62 -2.63 18.56
N TYR A 272 12.52 -2.76 17.23
CA TYR A 272 13.64 -3.22 16.38
C TYR A 272 14.19 -2.12 15.47
N LYS A 273 15.52 -2.09 15.33
CA LYS A 273 16.19 -1.04 14.56
C LYS A 273 15.98 -1.21 13.06
N TYR A 274 15.90 -2.45 12.60
CA TYR A 274 15.94 -2.76 11.18
C TYR A 274 14.64 -3.50 10.76
N LEU A 275 13.78 -2.78 10.04
CA LEU A 275 12.46 -3.31 9.67
C LEU A 275 12.36 -3.56 8.17
N PHE A 276 11.93 -4.77 7.81
CA PHE A 276 11.87 -5.19 6.42
C PHE A 276 10.45 -5.10 5.85
N ASN A 277 10.38 -4.64 4.60
CA ASN A 277 9.14 -4.61 3.84
C ASN A 277 9.34 -5.29 2.50
N PHE A 278 8.32 -6.05 2.09
CA PHE A 278 8.32 -6.75 0.83
C PHE A 278 7.00 -6.49 0.12
N ARG A 279 7.02 -6.59 -1.20
CA ARG A 279 5.76 -6.69 -1.93
C ARG A 279 5.01 -7.93 -1.44
N GLY A 280 3.71 -7.94 -1.68
CA GLY A 280 2.83 -9.03 -1.35
C GLY A 280 2.17 -9.47 -2.65
N VAL A 281 0.85 -9.41 -2.69
CA VAL A 281 0.14 -9.72 -3.91
C VAL A 281 0.53 -8.60 -4.87
N ALA A 282 0.48 -7.41 -4.35
CA ALA A 282 0.91 -6.18 -4.99
C ALA A 282 1.76 -5.44 -3.90
N ALA A 283 1.63 -4.13 -3.84
CA ALA A 283 2.34 -3.38 -2.81
C ALA A 283 1.73 -3.76 -1.46
N SER A 284 2.49 -3.56 -0.39
CA SER A 284 2.06 -3.88 0.97
C SER A 284 1.74 -2.64 1.79
N PHE A 285 0.64 -2.70 2.54
CA PHE A 285 0.27 -1.63 3.48
C PHE A 285 1.19 -1.55 4.68
N ARG A 286 2.05 -2.56 4.86
CA ARG A 286 2.99 -2.56 5.99
C ARG A 286 3.92 -1.36 5.90
N LEU A 287 4.38 -1.03 4.69
CA LEU A 287 5.53 -0.14 4.49
C LEU A 287 5.42 1.18 5.27
N LYS A 288 4.32 1.90 5.05
CA LYS A 288 4.09 3.20 5.69
C LYS A 288 4.18 3.15 7.21
N HIS A 289 3.75 2.03 7.81
CA HIS A 289 3.75 1.85 9.26
C HIS A 289 5.15 1.79 9.82
N LEU A 290 6.05 1.17 9.07
CA LEU A 290 7.40 0.93 9.52
C LEU A 290 8.17 2.24 9.72
N PHE A 291 7.95 3.22 8.84
CA PHE A 291 8.63 4.50 8.91
C PHE A 291 8.32 5.23 10.22
N LEU A 292 7.07 5.11 10.69
CA LEU A 292 6.65 5.87 11.86
C LEU A 292 7.15 5.29 13.18
N CYS A 293 7.87 4.15 13.12
CA CYS A 293 8.63 3.65 14.26
C CYS A 293 9.96 4.39 14.50
N LYS A 294 10.36 5.23 13.55
CA LYS A 294 11.71 5.79 13.50
C LYS A 294 12.79 4.72 13.45
N SER A 295 12.44 3.57 12.85
CA SER A 295 13.39 2.50 12.59
C SER A 295 13.87 2.64 11.17
N LEU A 296 14.97 1.97 10.86
CA LEU A 296 15.52 1.99 9.53
C LEU A 296 14.76 0.96 8.70
N VAL A 297 14.12 1.44 7.63
CA VAL A 297 13.30 0.60 6.77
C VAL A 297 14.14 0.05 5.61
N PHE A 298 14.06 -1.27 5.42
CA PHE A 298 14.69 -1.96 4.31
C PHE A 298 13.54 -2.41 3.39
N HIS A 299 13.42 -1.75 2.24
CA HIS A 299 12.33 -1.97 1.29
C HIS A 299 12.85 -2.78 0.13
N VAL A 300 12.28 -3.97 -0.05
CA VAL A 300 12.79 -4.95 -0.99
C VAL A 300 11.96 -4.88 -2.28
N GLY A 301 12.64 -4.68 -3.40
CA GLY A 301 12.01 -4.54 -4.72
C GLY A 301 11.67 -3.10 -5.02
N ASP A 302 11.61 -2.76 -6.30
CA ASP A 302 11.33 -1.38 -6.71
C ASP A 302 10.22 -1.31 -7.75
N GLU A 303 9.51 -2.41 -7.98
CA GLU A 303 8.43 -2.43 -8.99
C GLU A 303 7.06 -1.97 -8.45
N TRP A 304 6.57 -2.66 -7.41
CA TRP A 304 5.22 -2.43 -6.92
C TRP A 304 5.06 -1.14 -6.16
N GLN A 305 4.15 -0.29 -6.64
CA GLN A 305 3.96 1.07 -6.12
C GLN A 305 2.62 1.27 -5.44
N GLU A 306 2.60 2.19 -4.48
CA GLU A 306 1.41 2.97 -4.14
C GLU A 306 1.69 4.41 -4.57
N PHE A 307 0.69 5.28 -4.49
CA PHE A 307 0.80 6.63 -5.07
C PHE A 307 1.92 7.45 -4.45
N PHE A 308 2.25 7.18 -3.20
CA PHE A 308 3.27 7.97 -2.48
C PHE A 308 4.69 7.45 -2.58
N TYR A 309 4.90 6.29 -3.21
CA TYR A 309 6.23 5.68 -3.23
C TYR A 309 7.24 6.47 -4.09
N ASP A 310 6.74 7.17 -5.10
CA ASP A 310 7.61 7.92 -6.01
C ASP A 310 8.47 8.95 -5.26
N GLN A 311 7.91 9.57 -4.22
CA GLN A 311 8.64 10.57 -3.46
C GLN A 311 9.40 10.00 -2.26
N LEU A 312 9.22 8.71 -1.95
CA LEU A 312 10.14 8.00 -1.07
C LEU A 312 11.39 7.65 -1.88
N LYS A 313 12.53 8.22 -1.51
CA LYS A 313 13.73 8.11 -2.32
C LYS A 313 14.73 7.16 -1.66
N PRO A 314 15.24 6.19 -2.42
CA PRO A 314 16.21 5.28 -1.85
C PRO A 314 17.48 5.98 -1.36
N TRP A 315 17.96 5.52 -0.23
CA TRP A 315 19.14 6.03 0.45
C TRP A 315 18.88 7.38 1.19
N VAL A 316 17.75 8.01 0.93
CA VAL A 316 17.40 9.29 1.55
C VAL A 316 16.47 8.88 2.69
N HIS A 317 15.41 8.14 2.37
CA HIS A 317 14.36 7.77 3.33
C HIS A 317 14.38 6.32 3.79
N TYR A 318 15.05 5.45 3.02
CA TYR A 318 15.08 4.01 3.31
C TYR A 318 16.24 3.33 2.62
N VAL A 319 16.49 2.08 2.99
CA VAL A 319 17.51 1.25 2.38
C VAL A 319 16.86 0.35 1.32
N PRO A 320 17.22 0.53 0.04
CA PRO A 320 16.66 -0.32 -0.99
C PRO A 320 17.40 -1.65 -1.10
N LEU A 321 16.67 -2.73 -1.30
CA LEU A 321 17.29 -3.99 -1.68
C LEU A 321 16.62 -4.49 -2.96
N LYS A 322 17.41 -5.09 -3.83
CA LYS A 322 16.89 -5.67 -5.07
C LYS A 322 15.97 -6.86 -4.75
N SER A 323 15.05 -7.18 -5.66
CA SER A 323 14.13 -8.31 -5.46
CA SER A 323 14.13 -8.30 -5.44
C SER A 323 14.91 -9.60 -5.27
N TYR A 324 14.31 -10.55 -4.53
CA TYR A 324 14.95 -11.83 -4.21
C TYR A 324 16.36 -11.66 -3.68
N PRO A 325 16.49 -10.91 -2.56
CA PRO A 325 17.80 -10.80 -1.94
C PRO A 325 18.31 -12.13 -1.44
N SER A 326 19.63 -12.29 -1.46
CA SER A 326 20.26 -13.47 -0.91
C SER A 326 20.50 -13.30 0.59
N GLN A 327 20.69 -14.42 1.26
CA GLN A 327 21.08 -14.39 2.67
C GLN A 327 22.39 -13.61 2.86
N GLN A 328 23.35 -13.78 1.95
CA GLN A 328 24.63 -13.06 2.05
C GLN A 328 24.46 -11.54 1.89
N GLU A 329 23.54 -11.13 1.02
CA GLU A 329 23.24 -9.71 0.87
CA GLU A 329 23.17 -9.71 0.84
C GLU A 329 22.68 -9.14 2.18
N TYR A 330 21.75 -9.86 2.81
CA TYR A 330 21.18 -9.42 4.08
C TYR A 330 22.28 -9.26 5.15
N GLU A 331 23.14 -10.28 5.25
CA GLU A 331 24.25 -10.26 6.21
C GLU A 331 25.17 -9.06 6.01
N HIS A 332 25.48 -8.75 4.75
CA HIS A 332 26.35 -7.60 4.43
C HIS A 332 25.73 -6.28 4.75
N ILE A 333 24.46 -6.11 4.40
CA ILE A 333 23.81 -4.82 4.57
C ILE A 333 23.51 -4.55 6.06
N LEU A 334 23.08 -5.56 6.78
CA LEU A 334 22.85 -5.43 8.21
C LEU A 334 24.18 -5.18 8.95
N SER A 335 25.24 -5.88 8.56
CA SER A 335 26.55 -5.68 9.21
C SER A 335 27.05 -4.26 8.98
N PHE A 336 26.86 -3.75 7.78
CA PHE A 336 27.23 -2.38 7.46
C PHE A 336 26.52 -1.36 8.35
N PHE A 337 25.20 -1.46 8.45
CA PHE A 337 24.46 -0.48 9.26
C PHE A 337 24.68 -0.65 10.75
N LYS A 338 24.90 -1.87 11.22
CA LYS A 338 25.26 -2.11 12.62
C LYS A 338 26.58 -1.38 12.97
N LYS A 339 27.47 -1.25 11.99
CA LYS A 339 28.79 -0.63 12.19
C LYS A 339 28.80 0.83 11.82
N ASN A 340 27.69 1.34 11.29
CA ASN A 340 27.58 2.74 10.89
C ASN A 340 26.23 3.28 11.37
N ASP A 341 26.15 3.33 12.70
CA ASP A 341 24.90 3.48 13.42
C ASP A 341 24.30 4.88 13.32
N ALA A 342 25.15 5.91 13.32
CA ALA A 342 24.69 7.29 13.18
C ALA A 342 24.09 7.52 11.78
N LEU A 343 24.73 6.95 10.78
CA LEU A 343 24.24 6.97 9.40
C LEU A 343 22.87 6.29 9.30
N ALA A 344 22.75 5.14 9.95
CA ALA A 344 21.47 4.41 10.01
C ALA A 344 20.36 5.28 10.60
N GLN A 345 20.66 5.92 11.73
CA GLN A 345 19.67 6.77 12.40
C GLN A 345 19.25 7.97 11.54
N GLU A 346 20.18 8.56 10.79
CA GLU A 346 19.88 9.71 9.90
C GLU A 346 18.85 9.36 8.83
N ILE A 347 19.08 8.23 8.15
CA ILE A 347 18.15 7.74 7.14
C ILE A 347 16.79 7.45 7.79
N ALA A 348 16.82 6.72 8.90
CA ALA A 348 15.59 6.36 9.61
C ALA A 348 14.82 7.63 9.99
N GLN A 349 15.53 8.67 10.43
CA GLN A 349 14.88 9.92 10.82
C GLN A 349 14.24 10.62 9.63
N ARG A 350 14.94 10.61 8.49
CA ARG A 350 14.43 11.25 7.29
C ARG A 350 13.17 10.53 6.79
N GLY A 351 13.18 9.20 6.83
CA GLY A 351 12.01 8.40 6.41
C GLY A 351 10.81 8.69 7.30
N TYR A 352 11.03 8.65 8.60
CA TYR A 352 10.02 9.05 9.57
C TYR A 352 9.45 10.41 9.22
N ASP A 353 10.33 11.39 9.05
CA ASP A 353 9.89 12.76 8.76
C ASP A 353 9.09 12.87 7.47
N PHE A 354 9.48 12.12 6.44
CA PHE A 354 8.75 12.19 5.17
C PHE A 354 7.31 11.69 5.32
N ILE A 355 7.12 10.55 5.96
CA ILE A 355 5.77 10.01 6.16
C ILE A 355 4.98 10.91 7.10
N TRP A 356 5.65 11.44 8.12
CA TRP A 356 4.97 12.34 9.07
C TRP A 356 4.45 13.59 8.40
N GLU A 357 5.27 14.18 7.52
CA GLU A 357 4.94 15.46 6.88
C GLU A 357 4.15 15.35 5.57
N HIS A 358 4.31 14.23 4.86
CA HIS A 358 3.78 14.13 3.49
C HIS A 358 2.88 12.93 3.25
N LEU A 359 2.54 12.20 4.32
CA LEU A 359 1.46 11.22 4.24
C LEU A 359 0.50 11.44 5.40
N ARG A 360 0.12 12.70 5.58
CA ARG A 360 -0.95 13.09 6.49
C ARG A 360 -2.29 12.69 5.87
N MET A 361 -3.34 12.65 6.68
CA MET A 361 -4.69 12.51 6.13
C MET A 361 -4.98 13.62 5.13
N LYS A 362 -4.50 14.83 5.42
CA LYS A 362 -4.67 15.95 4.50
C LYS A 362 -4.06 15.64 3.14
N ASP A 363 -2.92 14.96 3.12
CA ASP A 363 -2.25 14.60 1.86
C ASP A 363 -3.05 13.57 1.06
N ILE A 364 -3.69 12.64 1.79
CA ILE A 364 -4.54 11.61 1.16
C ILE A 364 -5.76 12.26 0.53
N LYS A 365 -6.43 13.08 1.33
CA LYS A 365 -7.65 13.76 0.88
C LYS A 365 -7.39 14.71 -0.29
N CYS A 366 -6.32 15.50 -0.23
CA CYS A 366 -6.04 16.43 -1.32
C CYS A 366 -5.56 15.72 -2.59
N TYR A 367 -4.90 14.58 -2.45
CA TYR A 367 -4.53 13.78 -3.63
C TYR A 367 -5.77 13.28 -4.36
N TRP A 368 -6.69 12.67 -3.62
CA TRP A 368 -7.98 12.26 -4.17
C TRP A 368 -8.64 13.40 -4.93
N ARG A 369 -8.73 14.56 -4.30
CA ARG A 369 -9.38 15.72 -4.92
C ARG A 369 -8.68 16.16 -6.19
N LYS A 370 -7.35 16.26 -6.13
CA LYS A 370 -6.58 16.73 -7.29
C LYS A 370 -6.67 15.72 -8.44
N LEU A 371 -6.58 14.43 -8.10
CA LEU A 371 -6.73 13.35 -9.07
C LEU A 371 -8.05 13.45 -9.83
N LEU A 372 -9.15 13.51 -9.08
CA LEU A 372 -10.48 13.54 -9.68
C LEU A 372 -10.70 14.81 -10.51
N LYS A 373 -10.21 15.95 -10.03
CA LYS A 373 -10.37 17.22 -10.78
C LYS A 373 -9.61 17.22 -12.12
N ARG A 374 -8.45 16.58 -12.17
CA ARG A 374 -7.70 16.46 -13.42
C ARG A 374 -8.33 15.40 -14.35
N TYR A 375 -8.80 14.30 -13.77
CA TYR A 375 -9.43 13.24 -14.52
C TYR A 375 -10.68 13.70 -15.27
N VAL A 376 -11.56 14.42 -14.58
CA VAL A 376 -12.85 14.82 -15.17
C VAL A 376 -12.66 15.66 -16.44
N LYS A 377 -11.58 16.45 -16.49
CA LYS A 377 -11.25 17.22 -17.69
C LYS A 377 -10.97 16.36 -18.93
N LEU A 378 -10.61 15.10 -18.71
CA LEU A 378 -10.33 14.17 -19.80
C LEU A 378 -11.61 13.66 -20.48
N LEU A 379 -12.74 13.72 -19.79
CA LEU A 379 -13.97 13.11 -20.28
C LEU A 379 -14.51 13.85 -21.52
N GLN A 380 -14.74 13.11 -22.59
CA GLN A 380 -15.18 13.67 -23.87
C GLN A 380 -16.64 13.31 -24.14
N TYR A 381 -17.45 13.25 -23.08
CA TYR A 381 -18.84 12.84 -23.20
C TYR A 381 -19.65 13.36 -22.02
N GLU A 382 -20.97 13.37 -22.18
CA GLU A 382 -21.85 13.85 -21.12
C GLU A 382 -22.26 12.69 -20.23
N VAL A 383 -21.93 12.78 -18.94
CA VAL A 383 -22.31 11.74 -17.98
C VAL A 383 -23.83 11.74 -17.82
N LYS A 384 -24.44 10.57 -17.99
CA LYS A 384 -25.89 10.41 -17.88
C LYS A 384 -26.20 9.48 -16.72
N PRO A 385 -27.36 9.67 -16.08
CA PRO A 385 -27.71 8.76 -14.98
C PRO A 385 -27.94 7.33 -15.46
N GLU A 386 -27.82 6.38 -14.54
CA GLU A 386 -28.08 4.97 -14.84
C GLU A 386 -28.89 4.42 -13.68
N ASP A 387 -30.11 3.97 -13.96
CA ASP A 387 -31.05 3.60 -12.91
C ASP A 387 -30.68 2.34 -12.14
N GLN A 388 -29.90 1.44 -12.74
CA GLN A 388 -29.51 0.20 -12.05
C GLN A 388 -28.50 0.44 -10.91
N LEU A 389 -27.81 1.59 -10.94
CA LEU A 389 -26.88 1.95 -9.86
C LEU A 389 -27.64 2.34 -8.60
N ILE A 390 -27.04 2.11 -7.44
CA ILE A 390 -27.65 2.49 -6.15
C ILE A 390 -27.07 3.81 -5.64
N TYR A 391 -27.86 4.51 -4.86
CA TYR A 391 -27.45 5.78 -4.25
C TYR A 391 -26.60 5.50 -3.01
N ILE A 392 -25.42 6.12 -2.96
CA ILE A 392 -24.50 5.97 -1.82
C ILE A 392 -24.62 7.15 -0.88
N GLY A 393 -24.52 8.37 -1.42
CA GLY A 393 -24.63 9.57 -0.59
C GLY A 393 -24.34 10.89 -1.29
N PRO A 394 -24.18 11.99 -0.52
CA PRO A 394 -24.29 12.07 0.94
C PRO A 394 -25.72 12.30 1.43
N GLY B 6 -7.64 -18.63 -7.46
CA GLY B 6 -7.30 -17.21 -7.09
C GLY B 6 -6.57 -17.12 -5.76
N ASP B 7 -6.03 -15.95 -5.45
CA ASP B 7 -5.35 -15.72 -4.18
C ASP B 7 -5.90 -14.50 -3.44
N GLN B 8 -7.18 -14.24 -3.63
CA GLN B 8 -7.83 -13.08 -2.99
C GLN B 8 -7.92 -13.21 -1.46
N CYS B 9 -7.99 -14.44 -0.95
CA CYS B 9 -8.04 -14.66 0.48
C CYS B 9 -6.75 -14.27 1.21
N GLU B 10 -5.64 -14.18 0.49
CA GLU B 10 -4.36 -13.86 1.13
C GLU B 10 -4.33 -12.52 1.86
N SER B 11 -5.16 -11.57 1.41
CA SER B 11 -5.24 -10.24 2.04
C SER B 11 -6.29 -10.16 3.15
N ASN B 12 -6.74 -11.33 3.63
CA ASN B 12 -7.67 -11.42 4.75
C ASN B 12 -8.90 -10.50 4.61
N PRO B 13 -9.70 -10.73 3.56
CA PRO B 13 -10.88 -9.91 3.30
C PRO B 13 -12.08 -10.21 4.20
N CYS B 14 -12.03 -11.29 4.97
CA CYS B 14 -13.14 -11.64 5.85
C CYS B 14 -12.91 -11.08 7.25
N LEU B 15 -13.75 -10.15 7.65
CA LEU B 15 -13.64 -9.48 8.95
C LEU B 15 -14.21 -10.30 10.09
N ASN B 16 -13.95 -9.82 11.31
CA ASN B 16 -14.67 -10.27 12.51
C ASN B 16 -14.61 -11.79 12.75
N GLY B 17 -13.49 -12.42 12.39
CA GLY B 17 -13.27 -13.83 12.65
C GLY B 17 -13.67 -14.74 11.51
N GLY B 18 -14.15 -14.17 10.42
CA GLY B 18 -14.56 -14.97 9.26
C GLY B 18 -13.41 -15.72 8.63
N SER B 19 -13.73 -16.79 7.89
CA SER B 19 -12.74 -17.56 7.14
C SER B 19 -13.04 -17.44 5.66
N CYS B 20 -12.04 -17.70 4.83
CA CYS B 20 -12.10 -17.36 3.43
C CYS B 20 -11.81 -18.58 2.57
N LYS B 21 -12.53 -18.69 1.46
CA LYS B 21 -12.21 -19.67 0.42
C LYS B 21 -12.05 -18.96 -0.93
N ASP B 22 -10.97 -19.29 -1.64
CA ASP B 22 -10.69 -18.77 -2.97
C ASP B 22 -11.40 -19.65 -3.98
N ASP B 23 -12.14 -19.01 -4.88
CA ASP B 23 -12.79 -19.70 -5.98
C ASP B 23 -11.90 -19.37 -7.18
N ILE B 24 -12.38 -19.60 -8.39
CA ILE B 24 -11.60 -19.29 -9.58
C ILE B 24 -11.69 -17.79 -9.90
N ASN B 25 -12.91 -17.25 -9.93
CA ASN B 25 -13.13 -15.83 -10.22
C ASN B 25 -12.95 -14.95 -9.00
N SER B 26 -13.55 -15.38 -7.88
CA SER B 26 -13.71 -14.54 -6.71
C SER B 26 -13.38 -15.34 -5.45
N TYR B 27 -13.97 -14.92 -4.34
CA TYR B 27 -13.70 -15.49 -3.03
C TYR B 27 -15.04 -15.54 -2.32
N GLU B 28 -15.10 -16.27 -1.22
CA GLU B 28 -16.28 -16.27 -0.39
C GLU B 28 -15.90 -16.29 1.08
N CYS B 29 -16.61 -15.51 1.88
CA CYS B 29 -16.40 -15.53 3.32
C CYS B 29 -17.44 -16.39 4.00
N TRP B 30 -16.96 -17.12 5.00
CA TRP B 30 -17.77 -17.79 5.98
C TRP B 30 -17.73 -16.95 7.22
N CYS B 31 -18.89 -16.56 7.75
CA CYS B 31 -18.94 -15.61 8.86
C CYS B 31 -19.49 -16.26 10.12
N PRO B 32 -18.87 -15.97 11.28
CA PRO B 32 -19.37 -16.55 12.53
C PRO B 32 -20.70 -15.92 12.95
N PHE B 33 -21.49 -16.70 13.70
CA PHE B 33 -22.75 -16.21 14.24
C PHE B 33 -22.57 -14.84 14.88
N GLY B 34 -23.34 -13.86 14.41
CA GLY B 34 -23.22 -12.47 14.88
C GLY B 34 -22.86 -11.49 13.76
N PHE B 35 -22.26 -11.99 12.69
CA PHE B 35 -21.84 -11.14 11.58
C PHE B 35 -22.33 -11.70 10.25
N GLU B 36 -22.59 -10.80 9.32
CA GLU B 36 -23.00 -11.18 7.98
C GLU B 36 -22.48 -10.17 6.96
N GLY B 37 -22.92 -10.31 5.71
CA GLY B 37 -22.39 -9.56 4.60
C GLY B 37 -21.27 -10.34 3.93
N LYS B 38 -20.93 -9.89 2.73
CA LYS B 38 -19.90 -10.53 1.90
C LYS B 38 -18.52 -10.60 2.57
N ASN B 39 -18.22 -9.65 3.46
CA ASN B 39 -16.94 -9.62 4.19
C ASN B 39 -17.16 -9.78 5.70
N CYS B 40 -18.32 -10.28 6.13
CA CYS B 40 -18.67 -10.37 7.55
C CYS B 40 -18.62 -8.99 8.22
N GLU B 41 -18.90 -7.94 7.47
CA GLU B 41 -18.71 -6.56 7.94
C GLU B 41 -19.94 -5.98 8.63
N LEU B 42 -21.07 -6.69 8.56
CA LEU B 42 -22.34 -6.21 9.13
C LEU B 42 -22.72 -7.05 10.34
N LEU B 43 -23.37 -6.42 11.33
CA LEU B 43 -23.91 -7.16 12.46
C LEU B 43 -25.16 -7.94 12.03
N GLU B 44 -25.33 -9.14 12.59
CA GLU B 44 -26.41 -10.06 12.20
C GLU B 44 -27.74 -9.64 12.85
C1 GOL C . -1.79 -4.86 1.12
O1 GOL C . -1.03 -5.07 2.32
C2 GOL C . -3.14 -5.55 1.23
O2 GOL C . -2.95 -6.96 1.36
C3 GOL C . -4.00 -5.32 -0.01
O3 GOL C . -5.29 -5.94 0.18
S SO4 D . 1.23 -8.15 3.13
O1 SO4 D . 0.31 -8.64 4.15
O2 SO4 D . 2.55 -7.97 3.76
O3 SO4 D . 1.32 -9.17 2.07
O4 SO4 D . 0.76 -6.91 2.52
S SO4 E . -1.35 -2.05 16.37
O1 SO4 E . -2.02 -2.85 17.42
O2 SO4 E . -0.12 -1.40 16.90
O3 SO4 E . -1.04 -2.93 15.21
O4 SO4 E . -2.28 -0.97 15.93
S SO4 F . 14.30 -4.59 -8.39
O1 SO4 F . 14.86 -4.08 -7.11
O2 SO4 F . 14.74 -3.69 -9.49
O3 SO4 F . 14.81 -5.97 -8.63
O4 SO4 F . 12.82 -4.57 -8.33
S SO4 G . 6.06 -13.92 19.67
O1 SO4 G . 6.27 -13.06 20.85
O2 SO4 G . 7.36 -14.13 18.99
O3 SO4 G . 5.52 -15.22 20.09
O4 SO4 G . 5.10 -13.24 18.75
S SO4 H . 20.04 -17.72 -0.82
O1 SO4 H . 19.35 -16.52 -0.33
O2 SO4 H . 21.50 -17.49 -0.89
O3 SO4 H . 19.78 -18.84 0.10
O4 SO4 H . 19.56 -18.07 -2.17
S SO4 I . -3.64 15.10 9.46
O1 SO4 I . -4.76 15.26 10.42
O2 SO4 I . -2.47 15.92 9.93
O3 SO4 I . -3.26 13.65 9.41
O4 SO4 I . -4.06 15.61 8.13
#